data_3PZ5
#
_entry.id   3PZ5
#
_cell.length_a   106.143
_cell.length_b   106.143
_cell.length_c   81.779
_cell.angle_alpha   90.000
_cell.angle_beta   90.000
_cell.angle_gamma   90.000
#
_symmetry.space_group_name_H-M   'I 41'
#
loop_
_entity.id
_entity.type
_entity.pdbx_description
1 polymer 'Leucyl-tRNA synthetase subunit alpha'
2 water water
#
_entity_poly.entity_id   1
_entity_poly.type   'polypeptide(L)'
_entity_poly.pdbx_seq_one_letter_code
;HHHHHHAGAEGALIRFYVEIEELIYIDVFTTRPDTVFGATFVVLAPEHPLVPVLACIGERLGNACYSDVENFVEKMKKMS
TRERTMEEDKEGVFLGVYATNPANGEKIPVWSANYVLYEYGTGAIMCVPAHDQRDWEFAKKYDLPIKVVVKPEGAWDFEK
GAYEGKGTLVNSDGFDGLDSETAKRKITEWLQDRGLGEKKV
;
_entity_poly.pdbx_strand_id   A,B
#
# COMPACT_ATOMS: atom_id res chain seq x y z
N GLU A 10 -25.83 4.08 -11.08
CA GLU A 10 -24.65 4.89 -11.50
C GLU A 10 -23.58 4.92 -10.40
N GLY A 11 -22.33 5.15 -10.78
CA GLY A 11 -21.19 4.99 -9.87
C GLY A 11 -20.68 6.25 -9.19
N ALA A 12 -19.40 6.57 -9.43
CA ALA A 12 -18.71 7.62 -8.69
C ALA A 12 -17.62 8.34 -9.47
N LEU A 13 -17.35 9.59 -9.09
CA LEU A 13 -16.20 10.36 -9.60
C LEU A 13 -15.03 10.27 -8.61
N ILE A 14 -13.83 10.00 -9.14
CA ILE A 14 -12.65 9.83 -8.32
C ILE A 14 -11.52 10.73 -8.82
N ARG A 15 -10.83 11.39 -7.89
CA ARG A 15 -9.85 12.43 -8.24
C ARG A 15 -8.39 11.96 -8.11
N PHE A 16 -7.63 12.13 -9.19
CA PHE A 16 -6.24 11.68 -9.24
C PHE A 16 -5.32 12.87 -9.48
N TYR A 17 -4.64 13.29 -8.43
CA TYR A 17 -3.68 14.38 -8.55
C TYR A 17 -2.42 13.91 -9.24
N VAL A 18 -1.99 14.69 -10.24
CA VAL A 18 -0.79 14.40 -11.01
C VAL A 18 0.45 14.91 -10.26
N GLU A 19 1.46 14.08 -10.14
CA GLU A 19 2.66 14.40 -9.36
C GLU A 19 3.65 15.29 -10.10
N ILE A 20 3.30 16.58 -10.17
CA ILE A 20 4.06 17.60 -10.90
C ILE A 20 4.05 18.93 -10.15
N GLU A 21 4.72 19.94 -10.72
CA GLU A 21 4.87 21.24 -10.05
C GLU A 21 3.59 22.08 -9.99
N GLU A 22 2.78 22.03 -11.03
CA GLU A 22 1.52 22.76 -11.02
C GLU A 22 0.38 21.87 -10.57
N LEU A 23 -0.65 22.48 -9.97
CA LEU A 23 -1.78 21.73 -9.44
C LEU A 23 -2.72 21.30 -10.55
N ILE A 24 -2.64 20.01 -10.89
CA ILE A 24 -3.51 19.39 -11.89
C ILE A 24 -4.02 18.05 -11.35
N TYR A 25 -5.30 17.80 -11.55
CA TYR A 25 -5.89 16.52 -11.18
C TYR A 25 -6.73 15.97 -12.33
N ILE A 26 -6.94 14.66 -12.32
CA ILE A 26 -7.74 14.00 -13.32
C ILE A 26 -8.95 13.38 -12.65
N ASP A 27 -10.12 13.94 -12.92
CA ASP A 27 -11.35 13.34 -12.46
C ASP A 27 -11.69 12.18 -13.38
N VAL A 28 -12.13 11.09 -12.75
CA VAL A 28 -12.42 9.86 -13.46
C VAL A 28 -13.79 9.36 -13.01
N PHE A 29 -14.63 9.00 -13.97
CA PHE A 29 -15.90 8.35 -13.64
C PHE A 29 -15.74 6.84 -13.70
N THR A 30 -16.29 6.17 -12.70
CA THR A 30 -16.26 4.71 -12.62
C THR A 30 -17.56 4.17 -12.03
N THR A 31 -17.98 2.99 -12.51
CA THR A 31 -19.09 2.27 -11.91
C THR A 31 -18.57 1.24 -10.91
N ARG A 32 -17.26 1.24 -10.70
CA ARG A 32 -16.60 0.28 -9.82
C ARG A 32 -15.64 0.95 -8.84
N PRO A 33 -16.18 1.80 -7.92
CA PRO A 33 -15.28 2.45 -6.95
C PRO A 33 -14.68 1.44 -5.96
N ASP A 34 -15.29 0.26 -5.86
CA ASP A 34 -14.75 -0.84 -5.05
C ASP A 34 -13.38 -1.34 -5.50
N THR A 35 -12.97 -0.98 -6.72
CA THR A 35 -11.71 -1.49 -7.27
C THR A 35 -10.57 -0.46 -7.27
N VAL A 36 -10.76 0.65 -6.55
CA VAL A 36 -9.81 1.77 -6.61
C VAL A 36 -8.37 1.45 -6.14
N PHE A 37 -8.24 0.58 -5.14
CA PHE A 37 -6.92 0.12 -4.70
C PHE A 37 -6.20 -0.72 -5.77
N GLY A 38 -6.96 -1.20 -6.75
CA GLY A 38 -6.42 -2.01 -7.84
C GLY A 38 -6.04 -1.20 -9.08
N ALA A 39 -6.23 0.11 -9.01
CA ALA A 39 -5.87 1.00 -10.11
C ALA A 39 -4.35 1.06 -10.24
N THR A 40 -3.84 0.58 -11.37
CA THR A 40 -2.39 0.50 -11.60
C THR A 40 -1.89 1.50 -12.64
N PHE A 41 -2.82 2.17 -13.32
CA PHE A 41 -2.52 3.25 -14.25
C PHE A 41 -3.78 4.01 -14.63
N VAL A 42 -3.58 5.18 -15.22
CA VAL A 42 -4.66 6.07 -15.64
C VAL A 42 -4.60 6.28 -17.15
N VAL A 43 -5.75 6.21 -17.80
CA VAL A 43 -5.82 6.38 -19.26
C VAL A 43 -6.77 7.53 -19.66
N LEU A 44 -6.22 8.48 -20.43
CA LEU A 44 -7.00 9.58 -21.00
C LEU A 44 -7.36 9.29 -22.45
N ALA A 45 -8.55 9.68 -22.87
CA ALA A 45 -8.94 9.60 -24.27
C ALA A 45 -7.98 10.44 -25.11
N PRO A 46 -7.75 10.07 -26.38
CA PRO A 46 -6.83 10.85 -27.22
C PRO A 46 -7.23 12.32 -27.32
N GLU A 47 -8.54 12.59 -27.38
CA GLU A 47 -9.05 13.95 -27.49
C GLU A 47 -9.06 14.72 -26.17
N HIS A 48 -8.80 14.03 -25.07
CA HIS A 48 -8.82 14.66 -23.74
C HIS A 48 -7.85 15.83 -23.67
N PRO A 49 -8.33 17.02 -23.26
CA PRO A 49 -7.55 18.25 -23.25
C PRO A 49 -6.25 18.19 -22.43
N LEU A 50 -6.15 17.24 -21.51
CA LEU A 50 -4.95 17.11 -20.69
C LEU A 50 -3.82 16.28 -21.33
N VAL A 51 -4.14 15.59 -22.43
CA VAL A 51 -3.13 14.78 -23.13
C VAL A 51 -1.92 15.60 -23.60
N PRO A 52 -2.13 16.64 -24.42
CA PRO A 52 -0.99 17.46 -24.82
C PRO A 52 -0.32 18.20 -23.64
N VAL A 53 -1.11 18.63 -22.67
CA VAL A 53 -0.59 19.35 -21.50
C VAL A 53 0.40 18.49 -20.69
N LEU A 54 -0.04 17.29 -20.33
CA LEU A 54 0.80 16.38 -19.56
C LEU A 54 1.97 15.86 -20.38
N ALA A 55 1.73 15.63 -21.66
CA ALA A 55 2.78 15.19 -22.59
C ALA A 55 3.95 16.16 -22.68
N CYS A 56 3.68 17.45 -22.70
CA CYS A 56 4.75 18.45 -22.77
C CYS A 56 5.56 18.47 -21.47
N ILE A 57 4.84 18.45 -20.35
CA ILE A 57 5.45 18.32 -19.02
C ILE A 57 6.33 17.06 -18.96
N GLY A 58 5.78 15.95 -19.45
CA GLY A 58 6.52 14.69 -19.55
C GLY A 58 7.85 14.84 -20.26
N GLU A 59 7.82 15.48 -21.43
CA GLU A 59 9.02 15.65 -22.25
C GLU A 59 10.09 16.51 -21.57
N ARG A 60 9.67 17.61 -20.96
CA ARG A 60 10.61 18.52 -20.29
C ARG A 60 11.35 17.81 -19.18
N LEU A 61 10.71 16.79 -18.59
CA LEU A 61 11.36 15.95 -17.58
C LEU A 61 12.11 14.78 -18.21
N GLY A 62 12.13 14.73 -19.55
CA GLY A 62 12.81 13.67 -20.30
C GLY A 62 12.14 12.32 -20.19
N ASN A 63 10.82 12.32 -20.03
CA ASN A 63 10.05 11.10 -19.78
C ASN A 63 9.11 10.71 -20.92
N ALA A 64 8.91 11.64 -21.85
CA ALA A 64 8.03 11.40 -23.00
C ALA A 64 8.54 12.16 -24.23
N CYS A 65 7.93 11.88 -25.38
CA CYS A 65 8.25 12.56 -26.65
C CYS A 65 7.01 13.29 -27.15
N TYR A 66 7.00 14.61 -27.03
CA TYR A 66 5.81 15.42 -27.29
C TYR A 66 5.26 15.22 -28.71
N SER A 67 6.14 15.29 -29.70
CA SER A 67 5.78 15.07 -31.10
C SER A 67 5.15 13.71 -31.32
N ASP A 68 5.69 12.69 -30.63
CA ASP A 68 5.16 11.33 -30.72
C ASP A 68 3.73 11.23 -30.19
N VAL A 69 3.45 11.94 -29.10
CA VAL A 69 2.11 11.98 -28.52
C VAL A 69 1.14 12.76 -29.42
N GLU A 70 1.59 13.90 -29.92
CA GLU A 70 0.84 14.69 -30.90
C GLU A 70 0.51 13.87 -32.16
N ASN A 71 1.43 12.99 -32.57
CA ASN A 71 1.20 12.07 -33.69
C ASN A 71 0.13 11.02 -33.42
N PHE A 72 0.09 10.55 -32.17
CA PHE A 72 -0.92 9.60 -31.73
C PHE A 72 -2.31 10.24 -31.77
N VAL A 73 -2.43 11.42 -31.16
CA VAL A 73 -3.69 12.18 -31.12
C VAL A 73 -4.23 12.45 -32.51
N GLU A 74 -3.38 13.01 -33.37
CA GLU A 74 -3.69 13.30 -34.77
C GLU A 74 -4.21 12.09 -35.54
N LYS A 75 -3.52 10.96 -35.41
CA LYS A 75 -3.89 9.71 -36.07
C LYS A 75 -5.24 9.20 -35.54
N MET A 76 -5.46 9.36 -34.24
CA MET A 76 -6.63 8.83 -33.56
C MET A 76 -7.88 9.65 -33.80
N LYS A 77 -7.70 10.93 -34.16
CA LYS A 77 -8.83 11.82 -34.50
C LYS A 77 -9.49 11.42 -35.83
N LYS A 78 -8.68 10.97 -36.77
CA LYS A 78 -9.18 10.54 -38.09
C LYS A 78 -9.92 9.20 -38.03
N MET A 79 -9.65 8.43 -36.98
CA MET A 79 -10.23 7.09 -36.83
C MET A 79 -11.64 7.15 -36.25
N SER A 80 -12.41 6.07 -36.44
CA SER A 80 -13.80 6.02 -35.97
C SER A 80 -14.00 5.07 -34.78
N THR A 81 -15.06 5.34 -34.01
CA THR A 81 -15.41 4.58 -32.80
C THR A 81 -15.42 3.06 -33.00
N ARG A 82 -16.11 2.62 -34.06
CA ARG A 82 -16.20 1.19 -34.40
C ARG A 82 -14.82 0.57 -34.65
N GLU A 83 -13.92 1.37 -35.22
CA GLU A 83 -12.57 0.92 -35.57
C GLU A 83 -11.60 1.00 -34.39
N ARG A 84 -11.88 1.94 -33.48
CA ARG A 84 -10.94 2.29 -32.41
C ARG A 84 -10.99 1.35 -31.22
N THR A 85 -12.18 0.84 -30.90
CA THR A 85 -12.40 0.02 -29.71
C THR A 85 -12.96 -1.37 -30.02
N MET A 86 -12.96 -1.75 -31.30
CA MET A 86 -13.60 -2.99 -31.72
C MET A 86 -12.92 -3.69 -32.90
N GLU A 87 -12.14 -2.94 -33.68
CA GLU A 87 -11.43 -3.51 -34.83
C GLU A 87 -9.91 -3.49 -34.65
N GLU A 88 -9.37 -2.35 -34.23
CA GLU A 88 -7.94 -2.20 -34.02
C GLU A 88 -7.54 -2.62 -32.61
N ASP A 89 -6.44 -3.36 -32.50
CA ASP A 89 -5.86 -3.76 -31.22
C ASP A 89 -5.49 -2.57 -30.36
N LYS A 90 -5.39 -2.79 -29.05
CA LYS A 90 -5.06 -1.74 -28.09
C LYS A 90 -3.79 -1.00 -28.52
N GLU A 91 -3.89 0.33 -28.59
CA GLU A 91 -2.76 1.17 -28.95
C GLU A 91 -2.74 2.42 -28.08
N GLY A 92 -1.58 2.75 -27.54
CA GLY A 92 -1.48 3.89 -26.64
C GLY A 92 -0.06 4.41 -26.43
N VAL A 93 0.03 5.56 -25.76
CA VAL A 93 1.30 6.24 -25.51
C VAL A 93 1.44 6.70 -24.06
N PHE A 94 2.64 6.54 -23.50
CA PHE A 94 2.95 6.96 -22.13
C PHE A 94 3.18 8.47 -22.11
N LEU A 95 2.54 9.16 -21.17
CA LEU A 95 2.55 10.63 -21.12
C LEU A 95 3.71 11.26 -20.37
N GLY A 96 4.46 10.45 -19.62
CA GLY A 96 5.66 10.93 -18.93
C GLY A 96 5.40 11.41 -17.50
N VAL A 97 4.16 11.25 -17.04
CA VAL A 97 3.78 11.69 -15.72
C VAL A 97 3.06 10.60 -14.93
N TYR A 98 3.01 10.79 -13.62
CA TYR A 98 2.31 9.88 -12.72
C TYR A 98 1.21 10.61 -11.95
N ALA A 99 0.12 9.90 -11.68
CA ALA A 99 -0.94 10.41 -10.83
C ALA A 99 -0.95 9.64 -9.51
N THR A 100 -1.51 10.25 -8.48
CA THR A 100 -1.58 9.63 -7.17
C THR A 100 -2.92 8.94 -6.98
N ASN A 101 -2.88 7.64 -6.77
CA ASN A 101 -4.07 6.88 -6.40
C ASN A 101 -4.56 7.40 -5.05
N PRO A 102 -5.76 8.04 -5.02
CA PRO A 102 -6.25 8.66 -3.77
C PRO A 102 -6.47 7.68 -2.62
N ALA A 103 -6.75 6.42 -2.95
CA ALA A 103 -6.96 5.38 -1.95
C ALA A 103 -5.68 4.99 -1.18
N ASN A 104 -4.62 4.68 -1.91
CA ASN A 104 -3.40 4.18 -1.29
C ASN A 104 -2.22 5.17 -1.36
N GLY A 105 -2.35 6.16 -2.24
CA GLY A 105 -1.34 7.20 -2.38
C GLY A 105 -0.11 6.77 -3.15
N GLU A 106 -0.23 5.69 -3.90
CA GLU A 106 0.84 5.23 -4.76
C GLU A 106 0.80 6.00 -6.08
N LYS A 107 1.97 6.24 -6.67
CA LYS A 107 2.02 6.87 -7.99
C LYS A 107 1.72 5.84 -9.06
N ILE A 108 0.88 6.21 -10.01
CA ILE A 108 0.57 5.33 -11.14
C ILE A 108 0.74 6.10 -12.46
N PRO A 109 1.28 5.44 -13.49
CA PRO A 109 1.57 6.13 -14.76
C PRO A 109 0.31 6.57 -15.50
N VAL A 110 0.41 7.72 -16.17
CA VAL A 110 -0.68 8.23 -17.01
C VAL A 110 -0.40 7.92 -18.48
N TRP A 111 -1.38 7.32 -19.14
CA TRP A 111 -1.29 6.96 -20.54
C TRP A 111 -2.47 7.54 -21.31
N SER A 112 -2.35 7.58 -22.63
CA SER A 112 -3.48 7.84 -23.51
C SER A 112 -3.65 6.63 -24.43
N ALA A 113 -4.91 6.24 -24.69
CA ALA A 113 -5.18 5.01 -25.44
C ALA A 113 -6.40 5.09 -26.32
N ASN A 114 -6.37 4.31 -27.40
CA ASN A 114 -7.43 4.29 -28.42
C ASN A 114 -8.81 3.88 -27.92
N TYR A 115 -8.86 2.93 -26.99
CA TYR A 115 -10.10 2.28 -26.58
C TYR A 115 -10.93 3.08 -25.58
N VAL A 116 -10.41 4.23 -25.17
CA VAL A 116 -11.14 5.11 -24.26
C VAL A 116 -11.71 6.29 -25.03
N LEU A 117 -13.03 6.37 -25.05
CA LEU A 117 -13.74 7.40 -25.80
C LEU A 117 -13.94 8.65 -24.97
N TYR A 118 -13.77 9.81 -25.61
CA TYR A 118 -13.98 11.10 -24.96
C TYR A 118 -15.43 11.32 -24.52
N GLU A 119 -16.36 10.69 -25.24
CA GLU A 119 -17.79 10.83 -24.98
C GLU A 119 -18.23 10.35 -23.59
N TYR A 120 -17.71 9.19 -23.16
CA TYR A 120 -18.17 8.58 -21.91
C TYR A 120 -17.48 9.14 -20.67
N GLY A 121 -18.27 9.37 -19.63
CA GLY A 121 -17.80 9.91 -18.36
C GLY A 121 -17.09 11.24 -18.51
N THR A 122 -15.84 11.28 -18.05
CA THR A 122 -15.01 12.47 -18.15
C THR A 122 -13.97 12.34 -19.27
N GLY A 123 -14.08 11.25 -20.04
CA GLY A 123 -13.12 10.97 -21.11
C GLY A 123 -11.80 10.47 -20.55
N ALA A 124 -11.81 10.08 -19.29
CA ALA A 124 -10.62 9.65 -18.57
C ALA A 124 -11.03 8.54 -17.62
N ILE A 125 -10.23 7.49 -17.54
CA ILE A 125 -10.54 6.34 -16.68
C ILE A 125 -9.38 5.91 -15.79
N MET A 126 -9.72 5.28 -14.67
CA MET A 126 -8.75 4.57 -13.87
C MET A 126 -8.72 3.13 -14.35
N CYS A 127 -7.54 2.54 -14.43
CA CYS A 127 -7.42 1.21 -15.02
C CYS A 127 -7.15 0.11 -14.02
N VAL A 128 -8.07 -0.84 -13.98
CA VAL A 128 -8.02 -1.98 -13.08
C VAL A 128 -8.02 -3.24 -13.93
N PRO A 129 -6.82 -3.66 -14.40
CA PRO A 129 -6.67 -4.80 -15.30
C PRO A 129 -7.21 -6.10 -14.73
N ALA A 130 -7.08 -6.29 -13.41
CA ALA A 130 -7.60 -7.50 -12.77
C ALA A 130 -9.10 -7.66 -12.93
N HIS A 131 -9.81 -6.54 -13.09
CA HIS A 131 -11.27 -6.56 -12.99
C HIS A 131 -12.06 -5.93 -14.12
N ASP A 132 -11.36 -5.50 -15.17
CA ASP A 132 -11.98 -5.01 -16.40
C ASP A 132 -11.22 -5.56 -17.61
N GLN A 133 -11.90 -6.36 -18.42
CA GLN A 133 -11.27 -7.07 -19.53
C GLN A 133 -10.62 -6.12 -20.54
N ARG A 134 -11.28 -5.00 -20.80
CA ARG A 134 -10.76 -4.00 -21.72
C ARG A 134 -9.41 -3.47 -21.23
N ASP A 135 -9.33 -3.16 -19.93
CA ASP A 135 -8.08 -2.76 -19.29
C ASP A 135 -7.04 -3.88 -19.21
N TRP A 136 -7.52 -5.12 -19.10
CA TRP A 136 -6.65 -6.28 -19.03
C TRP A 136 -5.86 -6.45 -20.33
N GLU A 137 -6.56 -6.32 -21.46
CA GLU A 137 -5.96 -6.42 -22.78
C GLU A 137 -4.84 -5.38 -22.98
N PHE A 138 -5.12 -4.14 -22.59
CA PHE A 138 -4.16 -3.04 -22.69
C PHE A 138 -2.91 -3.32 -21.85
N ALA A 139 -3.12 -3.76 -20.61
CA ALA A 139 -2.02 -4.08 -19.69
C ALA A 139 -1.18 -5.26 -20.16
N LYS A 140 -1.83 -6.20 -20.85
CA LYS A 140 -1.15 -7.35 -21.44
C LYS A 140 -0.19 -6.87 -22.54
N LYS A 141 -0.66 -5.95 -23.38
CA LYS A 141 0.12 -5.41 -24.49
C LYS A 141 1.30 -4.56 -23.99
N TYR A 142 1.06 -3.79 -22.94
CA TYR A 142 2.05 -2.81 -22.47
C TYR A 142 2.70 -3.17 -21.13
N ASP A 143 2.49 -4.41 -20.69
CA ASP A 143 3.08 -4.99 -19.46
C ASP A 143 2.84 -4.15 -18.21
N LEU A 144 1.60 -3.72 -18.02
CA LEU A 144 1.20 -2.96 -16.85
C LEU A 144 0.59 -3.92 -15.82
N PRO A 145 0.77 -3.62 -14.51
CA PRO A 145 0.56 -4.65 -13.51
C PRO A 145 -0.90 -5.02 -13.29
N ILE A 146 -1.11 -6.29 -12.97
CA ILE A 146 -2.41 -6.80 -12.54
C ILE A 146 -2.39 -6.85 -11.01
N LYS A 147 -3.34 -6.14 -10.40
CA LYS A 147 -3.46 -6.10 -8.95
C LYS A 147 -4.87 -6.48 -8.54
N VAL A 148 -4.99 -7.64 -7.91
CA VAL A 148 -6.28 -8.17 -7.48
C VAL A 148 -6.75 -7.46 -6.21
N VAL A 149 -7.95 -6.91 -6.27
CA VAL A 149 -8.56 -6.25 -5.10
C VAL A 149 -9.96 -6.76 -4.79
N VAL A 150 -10.64 -7.31 -5.79
CA VAL A 150 -11.91 -8.01 -5.58
C VAL A 150 -11.69 -9.50 -5.84
N LYS A 151 -11.29 -10.20 -4.79
CA LYS A 151 -11.07 -11.65 -4.83
C LYS A 151 -12.41 -12.38 -5.00
N PRO A 152 -12.52 -13.23 -6.03
CA PRO A 152 -13.69 -14.10 -6.15
C PRO A 152 -13.60 -15.26 -5.17
N GLU A 153 -14.73 -15.87 -4.88
CA GLU A 153 -14.76 -17.01 -3.96
C GLU A 153 -14.16 -18.26 -4.61
N GLY A 154 -14.52 -18.50 -5.87
CA GLY A 154 -13.97 -19.63 -6.63
C GLY A 154 -12.55 -19.39 -7.10
N ALA A 155 -11.98 -20.40 -7.77
CA ALA A 155 -10.64 -20.27 -8.34
C ALA A 155 -10.70 -19.47 -9.65
N TRP A 156 -9.70 -18.61 -9.84
CA TRP A 156 -9.62 -17.77 -11.03
C TRP A 156 -8.17 -17.46 -11.40
N ASP A 157 -7.85 -17.62 -12.68
CA ASP A 157 -6.52 -17.32 -13.18
C ASP A 157 -6.49 -15.94 -13.84
N PHE A 158 -5.95 -14.96 -13.10
CA PHE A 158 -5.88 -13.58 -13.56
C PHE A 158 -4.87 -13.37 -14.69
N GLU A 159 -3.93 -14.31 -14.80
CA GLU A 159 -2.96 -14.34 -15.88
C GLU A 159 -3.62 -14.74 -17.20
N LYS A 160 -4.85 -15.23 -17.14
CA LYS A 160 -5.62 -15.62 -18.33
C LYS A 160 -6.74 -14.65 -18.67
N GLY A 161 -7.18 -13.87 -17.68
CA GLY A 161 -8.26 -12.89 -17.90
C GLY A 161 -8.71 -12.11 -16.68
N ALA A 162 -9.40 -11.01 -16.92
CA ALA A 162 -9.97 -10.19 -15.85
C ALA A 162 -11.23 -10.82 -15.27
N TYR A 163 -11.41 -10.68 -13.97
CA TYR A 163 -12.63 -11.07 -13.30
C TYR A 163 -13.46 -9.82 -12.99
N GLU A 164 -14.65 -9.75 -13.57
CA GLU A 164 -15.46 -8.55 -13.52
C GLU A 164 -16.67 -8.67 -12.58
N GLY A 165 -16.78 -9.82 -11.89
CA GLY A 165 -17.90 -10.06 -10.99
C GLY A 165 -17.71 -9.63 -9.55
N LYS A 166 -18.65 -10.02 -8.69
CA LYS A 166 -18.65 -9.65 -7.28
C LYS A 166 -17.71 -10.54 -6.47
N GLY A 167 -17.28 -10.03 -5.32
CA GLY A 167 -16.37 -10.76 -4.45
C GLY A 167 -16.13 -10.10 -3.11
N THR A 168 -14.92 -10.29 -2.58
CA THR A 168 -14.54 -9.78 -1.27
C THR A 168 -13.19 -9.09 -1.39
N LEU A 169 -13.08 -7.90 -0.82
CA LEU A 169 -11.92 -7.05 -1.02
C LEU A 169 -10.64 -7.61 -0.41
N VAL A 170 -9.56 -7.51 -1.18
CA VAL A 170 -8.20 -7.83 -0.72
C VAL A 170 -7.28 -6.69 -1.17
N ASN A 171 -6.05 -6.65 -0.63
CA ASN A 171 -5.08 -5.60 -0.94
C ASN A 171 -5.68 -4.19 -0.94
N SER A 172 -6.59 -3.93 0.01
CA SER A 172 -7.40 -2.72 0.00
C SER A 172 -7.43 -2.00 1.34
N ASP A 173 -6.28 -1.93 2.01
CA ASP A 173 -6.17 -1.23 3.30
C ASP A 173 -7.24 -1.76 4.27
N GLY A 174 -8.02 -0.87 4.86
CA GLY A 174 -8.97 -1.21 5.90
C GLY A 174 -10.31 -1.65 5.37
N PHE A 175 -10.43 -1.75 4.06
CA PHE A 175 -11.67 -2.19 3.42
C PHE A 175 -11.67 -3.68 3.09
N ASP A 176 -10.54 -4.34 3.33
CA ASP A 176 -10.41 -5.79 3.23
C ASP A 176 -11.52 -6.58 3.93
N GLY A 177 -11.97 -7.66 3.29
CA GLY A 177 -12.98 -8.55 3.89
C GLY A 177 -14.42 -8.14 3.63
N LEU A 178 -14.59 -6.88 3.23
CA LEU A 178 -15.89 -6.33 2.89
C LEU A 178 -16.33 -6.91 1.55
N ASP A 179 -17.62 -7.18 1.39
CA ASP A 179 -18.13 -7.57 0.07
C ASP A 179 -18.13 -6.34 -0.85
N SER A 180 -17.89 -6.59 -2.14
CA SER A 180 -17.63 -5.53 -3.13
C SER A 180 -18.77 -4.54 -3.38
N GLU A 181 -20.01 -4.99 -3.30
CA GLU A 181 -21.16 -4.08 -3.49
C GLU A 181 -21.35 -3.14 -2.31
N THR A 182 -21.09 -3.64 -1.10
CA THR A 182 -21.07 -2.83 0.11
C THR A 182 -19.88 -1.85 0.08
N ALA A 183 -18.74 -2.35 -0.39
CA ALA A 183 -17.50 -1.57 -0.45
C ALA A 183 -17.59 -0.34 -1.35
N LYS A 184 -18.39 -0.43 -2.42
CA LYS A 184 -18.61 0.70 -3.32
C LYS A 184 -19.02 1.95 -2.55
N ARG A 185 -20.04 1.83 -1.71
CA ARG A 185 -20.57 2.96 -0.96
C ARG A 185 -19.56 3.49 0.04
N LYS A 186 -18.97 2.59 0.82
CA LYS A 186 -18.09 2.98 1.92
C LYS A 186 -16.76 3.57 1.44
N ILE A 187 -16.26 3.10 0.30
CA ILE A 187 -15.07 3.70 -0.31
C ILE A 187 -15.40 5.07 -0.90
N THR A 188 -16.55 5.17 -1.55
CA THR A 188 -17.03 6.46 -2.07
C THR A 188 -17.19 7.48 -0.95
N GLU A 189 -17.89 7.10 0.11
CA GLU A 189 -18.10 7.97 1.28
C GLU A 189 -16.79 8.39 1.92
N TRP A 190 -15.84 7.46 1.98
CA TRP A 190 -14.49 7.72 2.46
C TRP A 190 -13.75 8.78 1.63
N LEU A 191 -13.75 8.61 0.31
CA LEU A 191 -13.08 9.54 -0.61
C LEU A 191 -13.78 10.91 -0.64
N GLN A 192 -15.11 10.89 -0.59
CA GLN A 192 -15.90 12.11 -0.59
C GLN A 192 -15.62 12.97 0.64
N ASP A 193 -15.45 12.30 1.78
CA ASP A 193 -15.14 12.97 3.05
C ASP A 193 -13.72 13.52 3.05
N ARG A 194 -12.86 12.96 2.21
CA ARG A 194 -11.49 13.45 2.06
C ARG A 194 -11.36 14.43 0.89
N GLY A 195 -12.47 14.69 0.22
CA GLY A 195 -12.51 15.57 -0.96
C GLY A 195 -11.78 15.02 -2.17
N LEU A 196 -11.68 13.69 -2.25
CA LEU A 196 -10.99 13.04 -3.37
C LEU A 196 -11.93 12.19 -4.24
N GLY A 197 -13.22 12.31 -3.97
CA GLY A 197 -14.24 11.53 -4.68
C GLY A 197 -15.63 12.10 -4.50
N GLU A 198 -16.56 11.59 -5.28
CA GLU A 198 -17.92 12.12 -5.31
C GLU A 198 -18.92 11.05 -5.77
N LYS A 199 -20.07 11.00 -5.11
CA LYS A 199 -21.17 10.11 -5.50
C LYS A 199 -21.86 10.67 -6.73
N LYS A 200 -22.35 9.79 -7.61
CA LYS A 200 -22.99 10.23 -8.84
C LYS A 200 -24.40 9.67 -9.04
N GLU B 10 13.43 11.26 22.45
CA GLU B 10 12.95 11.89 21.19
C GLU B 10 12.51 10.81 20.21
N GLY B 11 11.21 10.82 19.88
CA GLY B 11 10.63 9.81 19.00
C GLY B 11 9.12 9.91 18.93
N ALA B 12 8.45 8.76 18.78
CA ALA B 12 7.00 8.74 18.63
C ALA B 12 6.34 7.46 19.12
N LEU B 13 5.12 7.59 19.63
CA LEU B 13 4.25 6.45 19.94
C LEU B 13 3.29 6.25 18.78
N ILE B 14 3.20 5.00 18.31
CA ILE B 14 2.37 4.66 17.15
C ILE B 14 1.40 3.54 17.53
N ARG B 15 0.14 3.70 17.15
CA ARG B 15 -0.93 2.81 17.58
C ARG B 15 -1.27 1.73 16.53
N PHE B 16 -1.27 0.48 16.98
CA PHE B 16 -1.53 -0.66 16.10
C PHE B 16 -2.76 -1.44 16.57
N TYR B 17 -3.89 -1.17 15.94
CA TYR B 17 -5.12 -1.88 16.26
C TYR B 17 -5.06 -3.32 15.76
N VAL B 18 -5.41 -4.24 16.65
CA VAL B 18 -5.44 -5.67 16.35
C VAL B 18 -6.76 -6.02 15.67
N GLU B 19 -6.68 -6.79 14.59
CA GLU B 19 -7.86 -7.11 13.79
C GLU B 19 -8.67 -8.28 14.36
N ILE B 20 -9.37 -8.01 15.46
CA ILE B 20 -10.18 -8.98 16.17
C ILE B 20 -11.51 -8.36 16.59
N GLU B 21 -12.36 -9.13 17.27
CA GLU B 21 -13.69 -8.65 17.64
C GLU B 21 -13.69 -7.67 18.82
N GLU B 22 -12.72 -7.80 19.71
CA GLU B 22 -12.55 -6.86 20.81
C GLU B 22 -11.74 -5.66 20.32
N LEU B 23 -11.94 -4.51 20.96
CA LEU B 23 -11.11 -3.35 20.64
C LEU B 23 -9.82 -3.40 21.44
N ILE B 24 -8.74 -3.79 20.75
CA ILE B 24 -7.41 -3.88 21.35
C ILE B 24 -6.39 -3.25 20.41
N TYR B 25 -5.52 -2.43 20.98
CA TYR B 25 -4.44 -1.81 20.22
C TYR B 25 -3.12 -1.98 20.93
N ILE B 26 -2.04 -1.95 20.16
CA ILE B 26 -0.69 -2.06 20.69
C ILE B 26 0.03 -0.76 20.43
N ASP B 27 0.30 -0.01 21.49
CA ASP B 27 1.12 1.17 21.36
C ASP B 27 2.58 0.76 21.32
N VAL B 28 3.30 1.40 20.41
CA VAL B 28 4.67 1.05 20.13
C VAL B 28 5.49 2.34 20.19
N PHE B 29 6.60 2.30 20.91
CA PHE B 29 7.54 3.41 20.86
C PHE B 29 8.60 3.17 19.79
N THR B 30 8.89 4.22 19.03
CA THR B 30 9.95 4.19 18.02
C THR B 30 10.65 5.53 17.90
N THR B 31 11.96 5.48 17.66
CA THR B 31 12.73 6.67 17.32
C THR B 31 12.85 6.80 15.79
N ARG B 32 12.23 5.86 15.08
CA ARG B 32 12.21 5.87 13.61
C ARG B 32 10.79 5.89 13.03
N PRO B 33 10.01 6.97 13.29
CA PRO B 33 8.64 7.00 12.73
C PRO B 33 8.62 7.12 11.20
N ASP B 34 9.73 7.55 10.62
CA ASP B 34 9.90 7.60 9.17
C ASP B 34 9.83 6.24 8.49
N THR B 35 10.09 5.17 9.25
CA THR B 35 10.09 3.82 8.67
C THR B 35 8.78 3.07 8.89
N VAL B 36 7.71 3.81 9.19
CA VAL B 36 6.43 3.18 9.53
C VAL B 36 5.78 2.37 8.40
N PHE B 37 5.90 2.85 7.16
CA PHE B 37 5.33 2.14 6.00
C PHE B 37 6.05 0.81 5.73
N GLY B 38 7.22 0.64 6.34
CA GLY B 38 8.04 -0.56 6.18
C GLY B 38 7.89 -1.58 7.29
N ALA B 39 6.96 -1.33 8.21
CA ALA B 39 6.67 -2.27 9.29
C ALA B 39 5.94 -3.48 8.73
N THR B 40 6.59 -4.64 8.80
CA THR B 40 6.05 -5.87 8.21
C THR B 40 5.53 -6.85 9.27
N PHE B 41 5.79 -6.52 10.54
CA PHE B 41 5.27 -7.28 11.69
C PHE B 41 5.46 -6.52 13.01
N VAL B 42 4.72 -6.93 14.03
CA VAL B 42 4.79 -6.34 15.36
C VAL B 42 5.30 -7.39 16.34
N VAL B 43 6.22 -6.99 17.22
CA VAL B 43 6.77 -7.89 18.22
C VAL B 43 6.58 -7.39 19.67
N LEU B 44 5.92 -8.22 20.48
CA LEU B 44 5.75 -7.95 21.91
C LEU B 44 6.84 -8.65 22.72
N ALA B 45 7.28 -8.02 23.80
CA ALA B 45 8.19 -8.67 24.75
C ALA B 45 7.47 -9.83 25.41
N PRO B 46 8.21 -10.90 25.78
CA PRO B 46 7.58 -12.07 26.41
C PRO B 46 6.71 -11.73 27.62
N GLU B 47 7.13 -10.75 28.41
CA GLU B 47 6.40 -10.35 29.61
C GLU B 47 5.21 -9.44 29.30
N HIS B 48 5.14 -8.92 28.09
CA HIS B 48 4.06 -8.02 27.70
C HIS B 48 2.71 -8.66 28.02
N PRO B 49 1.86 -7.94 28.78
CA PRO B 49 0.59 -8.50 29.25
C PRO B 49 -0.37 -8.93 28.15
N LEU B 50 -0.13 -8.46 26.92
CA LEU B 50 -0.99 -8.80 25.79
C LEU B 50 -0.64 -10.11 25.09
N VAL B 51 0.55 -10.64 25.36
CA VAL B 51 0.96 -11.91 24.77
C VAL B 51 -0.04 -13.05 25.05
N PRO B 52 -0.33 -13.36 26.33
CA PRO B 52 -1.29 -14.44 26.57
C PRO B 52 -2.71 -14.19 26.06
N VAL B 53 -3.21 -12.96 26.21
CA VAL B 53 -4.57 -12.65 25.76
C VAL B 53 -4.74 -12.73 24.24
N LEU B 54 -3.76 -12.22 23.50
CA LEU B 54 -3.79 -12.31 22.04
C LEU B 54 -3.58 -13.76 21.59
N ALA B 55 -2.68 -14.45 22.26
CA ALA B 55 -2.39 -15.87 21.96
C ALA B 55 -3.63 -16.73 22.11
N CYS B 56 -4.42 -16.49 23.16
CA CYS B 56 -5.63 -17.28 23.39
C CYS B 56 -6.66 -17.07 22.29
N ILE B 57 -6.89 -15.80 21.95
CA ILE B 57 -7.73 -15.43 20.80
C ILE B 57 -7.21 -16.11 19.53
N GLY B 58 -5.89 -16.06 19.34
CA GLY B 58 -5.24 -16.74 18.22
C GLY B 58 -5.59 -18.22 18.12
N GLU B 59 -5.51 -18.92 19.26
CA GLU B 59 -5.82 -20.35 19.29
C GLU B 59 -7.29 -20.65 18.99
N ARG B 60 -8.18 -19.81 19.50
CA ARG B 60 -9.62 -20.00 19.29
C ARG B 60 -10.01 -19.88 17.83
N LEU B 61 -9.22 -19.10 17.08
CA LEU B 61 -9.39 -18.98 15.64
C LEU B 61 -8.66 -20.10 14.89
N GLY B 62 -7.85 -20.88 15.62
CA GLY B 62 -7.05 -21.97 15.04
C GLY B 62 -5.76 -21.50 14.39
N ASN B 63 -5.20 -20.41 14.92
CA ASN B 63 -4.03 -19.76 14.32
C ASN B 63 -2.80 -19.80 15.22
N ALA B 64 -2.98 -20.26 16.46
CA ALA B 64 -1.89 -20.34 17.42
C ALA B 64 -2.10 -21.49 18.40
N CYS B 65 -1.05 -21.84 19.14
CA CYS B 65 -1.12 -22.85 20.20
C CYS B 65 -0.81 -22.19 21.53
N TYR B 66 -1.85 -21.97 22.34
CA TYR B 66 -1.73 -21.24 23.60
C TYR B 66 -0.69 -21.84 24.56
N SER B 67 -0.76 -23.15 24.73
CA SER B 67 0.20 -23.90 25.53
C SER B 67 1.64 -23.63 25.10
N ASP B 68 1.88 -23.64 23.80
CA ASP B 68 3.18 -23.34 23.21
C ASP B 68 3.66 -21.92 23.53
N VAL B 69 2.73 -20.97 23.54
CA VAL B 69 3.05 -19.56 23.82
C VAL B 69 3.36 -19.36 25.30
N GLU B 70 2.52 -19.91 26.17
CA GLU B 70 2.79 -19.88 27.61
C GLU B 70 4.11 -20.58 27.94
N ASN B 71 4.36 -21.71 27.28
CA ASN B 71 5.63 -22.41 27.33
C ASN B 71 6.81 -21.47 27.03
N PHE B 72 6.66 -20.68 25.97
CA PHE B 72 7.68 -19.73 25.55
C PHE B 72 7.92 -18.63 26.58
N VAL B 73 6.83 -18.05 27.09
CA VAL B 73 6.90 -16.95 28.07
C VAL B 73 7.62 -17.38 29.35
N GLU B 74 7.21 -18.51 29.91
CA GLU B 74 7.80 -19.05 31.14
C GLU B 74 9.30 -19.35 31.01
N LYS B 75 9.69 -19.90 29.86
CA LYS B 75 11.08 -20.18 29.54
C LYS B 75 11.89 -18.88 29.44
N MET B 76 11.28 -17.87 28.84
CA MET B 76 11.93 -16.59 28.60
C MET B 76 12.02 -15.75 29.87
N LYS B 77 11.06 -15.94 30.78
CA LYS B 77 11.03 -15.24 32.07
C LYS B 77 12.11 -15.77 33.02
N LYS B 78 12.71 -16.89 32.63
CA LYS B 78 13.73 -17.59 33.42
C LYS B 78 15.14 -17.19 33.00
N MET B 79 15.25 -16.46 31.89
CA MET B 79 16.55 -16.05 31.34
C MET B 79 16.93 -14.61 31.68
N SER B 80 18.20 -14.27 31.45
CA SER B 80 18.74 -12.94 31.76
C SER B 80 18.89 -12.07 30.50
N THR B 81 18.93 -10.75 30.71
CA THR B 81 19.01 -9.77 29.63
C THR B 81 20.19 -9.98 28.67
N ARG B 82 21.36 -10.33 29.22
CA ARG B 82 22.54 -10.64 28.41
C ARG B 82 22.33 -11.87 27.54
N GLU B 83 21.68 -12.89 28.11
CA GLU B 83 21.35 -14.13 27.42
C GLU B 83 20.36 -13.87 26.26
N ARG B 84 19.39 -12.99 26.52
CA ARG B 84 18.28 -12.71 25.60
C ARG B 84 18.71 -12.08 24.29
N THR B 85 19.62 -11.10 24.37
CA THR B 85 19.95 -10.26 23.22
C THR B 85 21.34 -10.52 22.60
N MET B 86 22.34 -10.77 23.45
CA MET B 86 23.72 -10.93 22.97
C MET B 86 24.37 -12.27 23.33
N GLU B 87 23.59 -13.34 23.30
CA GLU B 87 24.11 -14.69 23.51
C GLU B 87 23.31 -15.72 22.71
N GLU B 88 21.98 -15.66 22.84
CA GLU B 88 21.09 -16.54 22.10
C GLU B 88 20.80 -15.99 20.71
N ASP B 89 20.49 -16.89 19.78
CA ASP B 89 19.92 -16.48 18.49
C ASP B 89 18.45 -16.13 18.72
N LYS B 90 17.90 -15.33 17.81
CA LYS B 90 16.51 -14.88 17.89
C LYS B 90 15.56 -16.07 18.02
N GLU B 91 14.65 -16.00 18.99
CA GLU B 91 13.58 -16.99 19.17
C GLU B 91 12.24 -16.30 19.37
N GLY B 92 11.22 -16.77 18.67
CA GLY B 92 9.91 -16.16 18.75
C GLY B 92 8.77 -17.10 18.48
N VAL B 93 7.55 -16.64 18.78
CA VAL B 93 6.32 -17.38 18.52
C VAL B 93 5.23 -16.47 17.93
N PHE B 94 4.48 -17.02 16.98
CA PHE B 94 3.39 -16.30 16.31
C PHE B 94 2.16 -16.36 17.20
N LEU B 95 1.51 -15.21 17.39
CA LEU B 95 0.38 -15.09 18.33
C LEU B 95 -0.98 -15.40 17.72
N GLY B 96 -1.02 -15.64 16.40
CA GLY B 96 -2.26 -15.99 15.72
C GLY B 96 -3.15 -14.81 15.37
N VAL B 97 -2.65 -13.59 15.61
CA VAL B 97 -3.42 -12.39 15.31
C VAL B 97 -2.65 -11.44 14.40
N TYR B 98 -3.40 -10.52 13.77
CA TYR B 98 -2.81 -9.48 12.93
C TYR B 98 -3.15 -8.08 13.44
N ALA B 99 -2.25 -7.14 13.20
CA ALA B 99 -2.48 -5.74 13.53
C ALA B 99 -2.54 -4.90 12.25
N THR B 100 -3.18 -3.74 12.35
CA THR B 100 -3.27 -2.82 11.23
C THR B 100 -2.17 -1.77 11.32
N ASN B 101 -1.26 -1.80 10.35
CA ASN B 101 -0.29 -0.72 10.18
C ASN B 101 -1.09 0.57 9.91
N PRO B 102 -1.03 1.54 10.83
CA PRO B 102 -1.88 2.75 10.72
C PRO B 102 -1.57 3.61 9.48
N ALA B 103 -0.34 3.51 8.98
CA ALA B 103 0.08 4.28 7.81
C ALA B 103 -0.53 3.77 6.49
N ASN B 104 -0.49 2.47 6.27
CA ASN B 104 -0.99 1.90 5.01
C ASN B 104 -2.26 1.07 5.17
N GLY B 105 -2.57 0.69 6.40
CA GLY B 105 -3.77 -0.08 6.70
C GLY B 105 -3.69 -1.53 6.29
N GLU B 106 -2.46 -2.02 6.11
CA GLU B 106 -2.22 -3.41 5.81
C GLU B 106 -2.13 -4.22 7.10
N LYS B 107 -2.61 -5.45 7.07
CA LYS B 107 -2.52 -6.33 8.23
C LYS B 107 -1.11 -6.91 8.35
N ILE B 108 -0.54 -6.87 9.55
CA ILE B 108 0.78 -7.46 9.79
C ILE B 108 0.74 -8.37 11.03
N PRO B 109 1.48 -9.50 10.98
CA PRO B 109 1.38 -10.49 12.06
C PRO B 109 2.01 -10.03 13.36
N VAL B 110 1.43 -10.47 14.49
CA VAL B 110 1.97 -10.17 15.82
C VAL B 110 2.72 -11.38 16.37
N TRP B 111 3.96 -11.13 16.79
CA TRP B 111 4.82 -12.16 17.35
C TRP B 111 5.30 -11.73 18.73
N SER B 112 5.81 -12.68 19.50
CA SER B 112 6.56 -12.39 20.71
C SER B 112 7.97 -12.93 20.53
N ALA B 113 8.97 -12.19 20.99
CA ALA B 113 10.36 -12.54 20.72
C ALA B 113 11.30 -12.23 21.87
N ASN B 114 12.39 -12.99 21.93
CA ASN B 114 13.37 -12.87 23.00
C ASN B 114 14.12 -11.53 23.05
N TYR B 115 14.40 -10.95 21.89
CA TYR B 115 15.30 -9.81 21.81
C TYR B 115 14.65 -8.47 22.18
N VAL B 116 13.35 -8.51 22.46
CA VAL B 116 12.60 -7.33 22.87
C VAL B 116 12.36 -7.34 24.38
N LEU B 117 12.87 -6.31 25.04
CA LEU B 117 12.82 -6.20 26.49
C LEU B 117 11.62 -5.38 26.96
N TYR B 118 10.98 -5.84 28.02
CA TYR B 118 9.77 -5.21 28.55
C TYR B 118 9.98 -3.78 29.04
N GLU B 119 11.14 -3.52 29.64
CA GLU B 119 11.42 -2.21 30.24
C GLU B 119 11.67 -1.10 29.22
N TYR B 120 12.14 -1.46 28.03
CA TYR B 120 12.42 -0.49 26.97
C TYR B 120 11.13 -0.06 26.26
N GLY B 121 10.91 1.25 26.19
CA GLY B 121 9.71 1.81 25.56
C GLY B 121 8.42 1.34 26.19
N THR B 122 7.55 0.78 25.36
CA THR B 122 6.28 0.22 25.84
C THR B 122 6.35 -1.31 25.94
N GLY B 123 7.54 -1.86 25.69
CA GLY B 123 7.74 -3.31 25.73
C GLY B 123 7.17 -3.99 24.50
N ALA B 124 6.93 -3.20 23.46
CA ALA B 124 6.40 -3.67 22.19
C ALA B 124 6.97 -2.81 21.09
N ILE B 125 7.32 -3.43 19.97
CA ILE B 125 7.91 -2.69 18.85
C ILE B 125 7.25 -2.99 17.50
N MET B 126 7.36 -2.03 16.59
CA MET B 126 7.08 -2.30 15.19
C MET B 126 8.39 -2.76 14.55
N CYS B 127 8.31 -3.71 13.65
CA CYS B 127 9.52 -4.27 13.09
C CYS B 127 9.72 -3.91 11.63
N VAL B 128 10.86 -3.28 11.37
CA VAL B 128 11.22 -2.82 10.04
C VAL B 128 12.56 -3.46 9.68
N PRO B 129 12.52 -4.71 9.16
CA PRO B 129 13.72 -5.49 8.88
C PRO B 129 14.69 -4.82 7.92
N ALA B 130 14.19 -3.98 7.01
CA ALA B 130 15.04 -3.29 6.04
C ALA B 130 15.96 -2.25 6.69
N HIS B 131 15.57 -1.77 7.88
CA HIS B 131 16.24 -0.63 8.49
C HIS B 131 16.62 -0.79 9.95
N ASP B 132 16.38 -1.98 10.50
CA ASP B 132 16.81 -2.31 11.84
C ASP B 132 17.45 -3.70 11.84
N GLN B 133 18.71 -3.76 12.26
CA GLN B 133 19.50 -5.00 12.17
C GLN B 133 18.92 -6.16 12.99
N ARG B 134 18.46 -5.87 14.20
CA ARG B 134 17.84 -6.88 15.07
C ARG B 134 16.57 -7.46 14.42
N ASP B 135 15.71 -6.58 13.94
CA ASP B 135 14.53 -6.96 13.17
C ASP B 135 14.90 -7.75 11.92
N TRP B 136 16.01 -7.36 11.28
CA TRP B 136 16.51 -8.04 10.08
C TRP B 136 16.85 -9.49 10.41
N GLU B 137 17.61 -9.69 11.48
CA GLU B 137 17.98 -11.02 11.94
C GLU B 137 16.77 -11.90 12.27
N PHE B 138 15.81 -11.34 12.99
CA PHE B 138 14.58 -12.06 13.30
C PHE B 138 13.80 -12.47 12.04
N ALA B 139 13.65 -11.52 11.11
CA ALA B 139 12.97 -11.77 9.85
C ALA B 139 13.73 -12.78 8.98
N LYS B 140 15.05 -12.79 9.14
CA LYS B 140 15.93 -13.74 8.47
C LYS B 140 15.59 -15.18 8.87
N LYS B 141 15.45 -15.40 10.18
CA LYS B 141 15.15 -16.75 10.69
C LYS B 141 13.70 -17.17 10.44
N TYR B 142 12.77 -16.23 10.51
CA TYR B 142 11.35 -16.56 10.41
C TYR B 142 10.66 -16.17 9.10
N ASP B 143 11.47 -15.77 8.12
CA ASP B 143 11.02 -15.48 6.74
C ASP B 143 9.94 -14.41 6.66
N LEU B 144 10.13 -13.34 7.42
CA LEU B 144 9.22 -12.20 7.42
C LEU B 144 9.76 -11.14 6.46
N PRO B 145 8.86 -10.39 5.78
CA PRO B 145 9.28 -9.63 4.60
C PRO B 145 10.21 -8.45 4.90
N ILE B 146 11.13 -8.21 3.97
CA ILE B 146 11.97 -7.01 3.99
C ILE B 146 11.36 -6.00 3.01
N LYS B 147 10.87 -4.89 3.56
CA LYS B 147 10.24 -3.85 2.75
C LYS B 147 11.01 -2.54 2.89
N VAL B 148 11.58 -2.08 1.78
CA VAL B 148 12.44 -0.89 1.78
C VAL B 148 11.58 0.38 1.75
N VAL B 149 11.80 1.25 2.73
CA VAL B 149 11.08 2.53 2.79
C VAL B 149 12.01 3.74 2.92
N VAL B 150 13.23 3.52 3.41
CA VAL B 150 14.26 4.56 3.44
C VAL B 150 15.38 4.14 2.50
N LYS B 151 15.29 4.63 1.25
CA LYS B 151 16.27 4.36 0.22
C LYS B 151 17.51 5.23 0.44
N PRO B 152 18.70 4.60 0.56
CA PRO B 152 19.93 5.38 0.54
C PRO B 152 20.28 5.75 -0.90
N GLU B 153 21.15 6.74 -1.08
CA GLU B 153 21.56 7.14 -2.42
C GLU B 153 22.53 6.14 -3.05
N GLY B 154 23.47 5.64 -2.25
CA GLY B 154 24.43 4.64 -2.72
C GLY B 154 23.80 3.26 -2.83
N ALA B 155 24.54 2.32 -3.40
CA ALA B 155 24.08 0.93 -3.53
C ALA B 155 24.07 0.21 -2.19
N TRP B 156 23.02 -0.59 -1.97
CA TRP B 156 22.89 -1.40 -0.76
C TRP B 156 22.16 -2.70 -1.05
N ASP B 157 22.70 -3.81 -0.58
CA ASP B 157 22.04 -5.11 -0.72
C ASP B 157 21.27 -5.44 0.57
N PHE B 158 19.95 -5.36 0.49
CA PHE B 158 19.08 -5.51 1.66
C PHE B 158 18.95 -6.94 2.18
N GLU B 159 19.35 -7.92 1.35
CA GLU B 159 19.35 -9.32 1.78
C GLU B 159 20.66 -9.77 2.44
N LYS B 160 21.62 -8.84 2.55
CA LYS B 160 22.84 -9.09 3.32
C LYS B 160 22.79 -8.40 4.68
N GLY B 161 21.93 -7.40 4.81
CA GLY B 161 21.80 -6.65 6.06
C GLY B 161 20.89 -5.43 5.96
N ALA B 162 20.42 -4.99 7.12
CA ALA B 162 19.57 -3.81 7.21
C ALA B 162 20.37 -2.53 6.99
N TYR B 163 19.72 -1.51 6.43
CA TYR B 163 20.31 -0.19 6.32
C TYR B 163 19.66 0.76 7.32
N GLU B 164 20.47 1.27 8.25
CA GLU B 164 19.94 2.04 9.38
C GLU B 164 20.19 3.54 9.27
N GLY B 165 20.83 3.97 8.18
CA GLY B 165 21.19 5.38 7.99
C GLY B 165 20.09 6.25 7.40
N LYS B 166 20.46 7.49 7.05
CA LYS B 166 19.51 8.43 6.46
C LYS B 166 19.30 8.19 4.97
N GLY B 167 18.19 8.71 4.45
CA GLY B 167 17.89 8.55 3.04
C GLY B 167 16.66 9.29 2.57
N THR B 168 16.02 8.74 1.54
CA THR B 168 14.85 9.34 0.90
C THR B 168 13.74 8.32 0.82
N LEU B 169 12.52 8.74 1.15
CA LEU B 169 11.41 7.81 1.33
C LEU B 169 10.89 7.20 0.05
N VAL B 170 10.53 5.93 0.15
CA VAL B 170 10.03 5.15 -0.97
C VAL B 170 8.99 4.16 -0.42
N ASN B 171 8.11 3.64 -1.27
CA ASN B 171 7.01 2.78 -0.83
C ASN B 171 6.22 3.34 0.37
N SER B 172 6.18 4.67 0.46
CA SER B 172 5.59 5.35 1.61
C SER B 172 4.45 6.28 1.22
N ASP B 173 3.59 5.80 0.32
CA ASP B 173 2.39 6.53 -0.09
C ASP B 173 2.76 7.95 -0.53
N GLY B 174 2.15 8.95 0.11
CA GLY B 174 2.31 10.34 -0.30
C GLY B 174 3.55 10.97 0.30
N PHE B 175 4.30 10.21 1.08
CA PHE B 175 5.52 10.72 1.71
C PHE B 175 6.80 10.43 0.90
N ASP B 176 6.63 9.72 -0.22
CA ASP B 176 7.72 9.43 -1.16
C ASP B 176 8.53 10.68 -1.55
N GLY B 177 9.84 10.50 -1.71
CA GLY B 177 10.74 11.58 -2.15
C GLY B 177 11.28 12.47 -1.03
N LEU B 178 10.60 12.46 0.10
CA LEU B 178 10.94 13.28 1.25
C LEU B 178 12.20 12.73 1.93
N ASP B 179 13.03 13.61 2.49
CA ASP B 179 14.18 13.15 3.27
C ASP B 179 13.70 12.58 4.63
N SER B 180 14.37 11.53 5.08
CA SER B 180 13.92 10.72 6.21
C SER B 180 13.81 11.47 7.54
N GLU B 181 14.70 12.41 7.79
CA GLU B 181 14.63 13.20 9.03
C GLU B 181 13.46 14.19 9.04
N THR B 182 13.16 14.75 7.87
CA THR B 182 11.98 15.59 7.68
C THR B 182 10.72 14.75 7.80
N ALA B 183 10.77 13.55 7.22
CA ALA B 183 9.64 12.61 7.21
C ALA B 183 9.17 12.21 8.61
N LYS B 184 10.11 12.07 9.56
CA LYS B 184 9.78 11.74 10.94
C LYS B 184 8.70 12.68 11.48
N ARG B 185 8.98 13.98 11.40
CA ARG B 185 8.08 15.01 11.91
C ARG B 185 6.71 14.97 11.21
N LYS B 186 6.74 14.88 9.88
CA LYS B 186 5.53 14.98 9.08
C LYS B 186 4.64 13.73 9.10
N ILE B 187 5.26 12.57 9.29
CA ILE B 187 4.52 11.32 9.47
C ILE B 187 3.91 11.26 10.88
N THR B 188 4.70 11.68 11.88
CA THR B 188 4.21 11.77 13.25
C THR B 188 3.00 12.71 13.33
N GLU B 189 3.15 13.93 12.82
CA GLU B 189 2.07 14.92 12.81
C GLU B 189 0.80 14.40 12.13
N TRP B 190 0.99 13.66 11.03
CA TRP B 190 -0.10 13.04 10.28
C TRP B 190 -0.84 11.97 11.10
N LEU B 191 -0.08 11.14 11.81
CA LEU B 191 -0.65 10.11 12.68
C LEU B 191 -1.32 10.70 13.92
N GLN B 192 -0.82 11.84 14.38
CA GLN B 192 -1.36 12.51 15.56
C GLN B 192 -2.75 13.10 15.28
N ASP B 193 -2.86 13.82 14.15
CA ASP B 193 -4.14 14.38 13.69
C ASP B 193 -5.15 13.28 13.40
N ARG B 194 -4.65 12.06 13.21
CA ARG B 194 -5.49 10.92 12.88
C ARG B 194 -5.82 10.11 14.13
N GLY B 195 -5.20 10.48 15.25
CA GLY B 195 -5.38 9.78 16.53
C GLY B 195 -4.75 8.40 16.58
N LEU B 196 -3.71 8.19 15.78
CA LEU B 196 -3.04 6.88 15.68
C LEU B 196 -1.56 6.96 16.05
N GLY B 197 -1.16 8.11 16.57
CA GLY B 197 0.23 8.36 16.93
C GLY B 197 0.38 9.58 17.81
N GLU B 198 1.57 9.76 18.36
CA GLU B 198 1.84 10.85 19.29
C GLU B 198 3.34 11.15 19.31
N LYS B 199 3.67 12.44 19.32
CA LYS B 199 5.05 12.90 19.48
C LYS B 199 5.53 12.53 20.88
N LYS B 200 6.70 11.90 20.95
CA LYS B 200 7.22 11.42 22.23
C LYS B 200 8.59 12.01 22.58
N VAL B 201 8.67 13.33 22.60
CA VAL B 201 9.89 14.05 22.98
C VAL B 201 9.60 15.11 24.04
#